data_4HIX
#
_entry.id   4HIX
#
_cell.length_a   59.343
_cell.length_b   83.039
_cell.length_c   91.224
_cell.angle_alpha   90.000
_cell.angle_beta   90.000
_cell.angle_gamma   90.000
#
_symmetry.space_group_name_H-M   'P 21 2 21'
#
loop_
_entity.id
_entity.type
_entity.pdbx_description
1 polymer 'Humanized 3D6 Fab heavy chain'
2 polymer 'Humanized 3D6 Fab light chain'
3 polymer 'Beta-amyloid protein 40'
4 water water
#
loop_
_entity_poly.entity_id
_entity_poly.type
_entity_poly.pdbx_seq_one_letter_code
_entity_poly.pdbx_strand_id
1 'polypeptide(L)'
;VQLLESGGGLVQPGGSLRLSCAASGFTFSNYGMSWVRQAPGKGLEWVASIRSGGGRTYYSDNVKGRFTISRDNAKNSLYL
QMNSLRAEDTALYYCVRYDHYSGSSDYWGQGTLVTVSSASTKGPSVFPLAPSSKSTSGGTAALGCLVKDYFPQPVTVSWN
SGALTSGVHTFPAVLQSSGLYSLSSVVTVPSSSLGTQTYICNVNHKPSNTKVDKKVEPKSCHHHHHH
;
H
2 'polypeptide(L)'
;EYVVMTQSPLSLPVTPGEPASISCKSSQSLLDSDGKTYLNWLLQKPGQSPQRLIYLVSKLDSGVPDRFSGSGSGTDFTLK
ISRVEAEDVGVYYCWQGTHFPRTFGQGTKVEIKRTVAAPSVFIFPPSDEQLKSGTASVVCLLNNFYPREAKVQWKVDNAL
QSGNSQESVTEQDSKDSTYSLSSTLTLSKADYEKHKVYACEVTHQGLSSPVTKSFNRGEC
;
L
3 'polypeptide(L)' DAEFRHDSGYEVHHQKLVFFAEDVGSNK A
#
# COMPACT_ATOMS: atom_id res chain seq x y z
N VAL A 1 18.67 -7.27 10.16
CA VAL A 1 18.68 -5.81 9.99
C VAL A 1 17.27 -5.24 10.02
N GLN A 2 17.00 -4.39 10.99
CA GLN A 2 15.66 -3.82 11.12
C GLN A 2 15.70 -2.33 11.38
N LEU A 3 14.88 -1.61 10.64
CA LEU A 3 14.70 -0.18 10.81
C LEU A 3 13.23 0.07 11.15
N LEU A 4 12.97 0.55 12.36
CA LEU A 4 11.58 0.72 12.81
C LEU A 4 11.28 2.18 13.11
N GLU A 5 10.46 2.80 12.26
CA GLU A 5 10.11 4.20 12.42
C GLU A 5 8.88 4.38 13.30
N SER A 6 8.89 5.42 14.13
CA SER A 6 7.71 5.84 14.87
C SER A 6 7.62 7.36 14.89
N GLY A 7 6.49 7.88 15.35
CA GLY A 7 6.34 9.31 15.54
C GLY A 7 5.43 10.01 14.55
N GLY A 8 5.08 9.30 13.48
CA GLY A 8 4.19 9.88 12.47
C GLY A 8 2.80 10.10 13.01
N GLY A 9 2.02 10.94 12.36
CA GLY A 9 0.66 11.20 12.80
C GLY A 9 0.06 12.47 12.23
N LEU A 10 -1.05 12.90 12.82
CA LEU A 10 -1.79 14.08 12.35
C LEU A 10 -1.26 15.34 13.00
N VAL A 11 -1.00 16.36 12.18
CA VAL A 11 -0.56 17.65 12.69
C VAL A 11 -1.14 18.77 11.84
N GLN A 12 -1.41 19.92 12.47
CA GLN A 12 -1.96 21.06 11.75
C GLN A 12 -0.87 21.76 10.95
N PRO A 13 -1.26 22.42 9.85
CA PRO A 13 -0.26 23.17 9.07
C PRO A 13 0.45 24.19 9.95
N GLY A 14 1.76 24.29 9.78
CA GLY A 14 2.58 25.14 10.63
C GLY A 14 3.02 24.42 11.88
N GLY A 15 2.52 23.20 12.08
CA GLY A 15 2.83 22.43 13.27
C GLY A 15 4.17 21.73 13.25
N SER A 16 4.49 21.03 14.33
CA SER A 16 5.77 20.34 14.46
C SER A 16 5.56 18.86 14.77
N LEU A 17 6.56 18.05 14.43
CA LEU A 17 6.48 16.61 14.63
C LEU A 17 7.90 16.07 14.77
N ARG A 18 8.08 15.02 15.55
CA ARG A 18 9.41 14.45 15.70
C ARG A 18 9.42 12.94 15.42
N LEU A 19 10.13 12.54 14.39
CA LEU A 19 10.16 11.15 13.98
C LEU A 19 11.41 10.44 14.53
N SER A 20 11.24 9.14 14.81
CA SER A 20 12.34 8.30 15.29
C SER A 20 12.48 7.06 14.42
N CYS A 21 13.70 6.55 14.34
CA CYS A 21 13.99 5.29 13.70
C CYS A 21 14.90 4.52 14.63
N ALA A 22 14.39 3.40 15.12
CA ALA A 22 15.18 2.48 15.93
C ALA A 22 15.82 1.47 15.02
N ALA A 23 17.16 1.40 15.07
CA ALA A 23 17.92 0.51 14.20
C ALA A 23 18.46 -0.67 14.99
N SER A 24 18.46 -1.86 14.37
CA SER A 24 19.07 -3.03 14.98
C SER A 24 19.58 -4.00 13.92
N GLY A 25 20.41 -4.96 14.33
CA GLY A 25 20.92 -5.97 13.44
C GLY A 25 22.17 -5.58 12.67
N PHE A 26 22.72 -4.41 12.97
CA PHE A 26 23.99 -3.97 12.37
C PHE A 26 24.68 -2.92 13.22
N THR A 27 25.97 -2.68 12.98
CA THR A 27 26.70 -1.66 13.74
C THR A 27 26.32 -0.24 13.27
N PHE A 28 25.28 0.31 13.90
CA PHE A 28 24.67 1.58 13.52
C PHE A 28 25.64 2.74 13.30
N SER A 29 26.60 2.89 14.21
CA SER A 29 27.54 4.01 14.14
C SER A 29 28.40 4.04 12.87
N ASN A 30 28.54 2.91 12.20
CA ASN A 30 29.38 2.81 11.00
C ASN A 30 28.70 3.23 9.68
N TYR A 31 27.40 3.52 9.72
CA TYR A 31 26.62 3.71 8.49
C TYR A 31 25.99 5.09 8.35
N GLY A 32 26.01 5.64 7.14
CA GLY A 32 25.25 6.85 6.85
C GLY A 32 23.77 6.48 6.75
N MET A 33 22.89 7.42 7.12
CA MET A 33 21.45 7.14 7.08
C MET A 33 20.69 8.28 6.42
N SER A 34 19.51 7.99 5.90
CA SER A 34 18.71 9.01 5.26
C SER A 34 17.23 8.82 5.54
N TRP A 35 16.46 9.90 5.44
CA TRP A 35 15.01 9.82 5.39
C TRP A 35 14.58 10.09 3.96
N VAL A 36 13.68 9.23 3.47
CA VAL A 36 13.11 9.32 2.13
C VAL A 36 11.58 9.20 2.24
N ARG A 37 10.84 10.04 1.51
CA ARG A 37 9.38 10.03 1.67
C ARG A 37 8.59 9.62 0.41
N GLN A 38 7.39 9.11 0.65
CA GLN A 38 6.52 8.66 -0.41
C GLN A 38 5.12 9.16 -0.11
N ALA A 39 4.68 10.16 -0.86
CA ALA A 39 3.29 10.61 -0.78
C ALA A 39 2.43 9.51 -1.38
N PRO A 40 1.30 9.19 -0.72
CA PRO A 40 0.43 8.09 -1.15
C PRO A 40 0.05 8.17 -2.64
N GLY A 41 0.24 7.06 -3.34
CA GLY A 41 -0.05 7.01 -4.77
C GLY A 41 1.00 7.67 -5.64
N LYS A 42 2.16 7.97 -5.06
CA LYS A 42 3.19 8.71 -5.78
C LYS A 42 4.57 8.07 -5.62
N GLY A 43 5.61 8.80 -6.06
CA GLY A 43 6.95 8.26 -6.09
C GLY A 43 7.80 8.53 -4.86
N LEU A 44 9.09 8.26 -4.99
CA LEU A 44 10.03 8.41 -3.89
C LEU A 44 10.81 9.71 -4.00
N GLU A 45 10.94 10.41 -2.88
CA GLU A 45 11.66 11.68 -2.85
C GLU A 45 12.58 11.68 -1.63
N TRP A 46 13.88 11.88 -1.86
CA TRP A 46 14.85 11.96 -0.78
C TRP A 46 14.57 13.18 0.11
N VAL A 47 14.69 12.99 1.43
CA VAL A 47 14.40 14.09 2.35
C VAL A 47 15.65 14.63 3.00
N ALA A 48 16.42 13.75 3.65
CA ALA A 48 17.60 14.23 4.36
C ALA A 48 18.62 13.13 4.60
N SER A 49 19.89 13.48 4.74
CA SER A 49 20.91 12.48 5.03
C SER A 49 21.82 12.94 6.15
N ILE A 50 22.36 11.98 6.91
CA ILE A 50 23.40 12.24 7.89
C ILE A 50 24.52 11.21 7.77
N ARG A 51 25.76 11.69 7.75
CA ARG A 51 26.91 10.81 7.69
C ARG A 51 27.19 10.12 9.01
N SER A 52 28.03 9.10 8.98
CA SER A 52 28.46 8.42 10.18
C SER A 52 29.47 9.27 10.96
N GLY A 53 30.19 10.15 10.26
CA GLY A 53 31.21 10.96 10.91
C GLY A 53 30.93 12.45 10.93
N GLY A 54 31.17 13.07 12.09
CA GLY A 54 31.10 14.52 12.21
C GLY A 54 29.71 15.10 12.35
N GLY A 55 28.67 14.26 12.30
CA GLY A 55 27.32 14.76 12.37
C GLY A 55 26.98 15.67 11.19
N ARG A 56 27.60 15.39 10.05
CA ARG A 56 27.37 16.17 8.83
C ARG A 56 26.04 15.79 8.20
N THR A 57 25.28 16.80 7.77
CA THR A 57 23.91 16.61 7.29
C THR A 57 23.69 17.21 5.90
N TYR A 58 22.62 16.75 5.26
CA TYR A 58 22.24 17.22 3.93
C TYR A 58 20.72 17.24 3.84
N TYR A 59 20.17 18.24 3.15
CA TYR A 59 18.73 18.39 3.06
C TYR A 59 18.27 18.64 1.62
N SER A 60 17.10 18.14 1.26
CA SER A 60 16.54 18.46 -0.04
C SER A 60 16.02 19.89 0.02
N ASP A 61 16.04 20.57 -1.12
CA ASP A 61 15.61 21.96 -1.20
C ASP A 61 14.27 22.25 -0.53
N ASN A 62 13.34 21.28 -0.59
CA ASN A 62 11.99 21.45 -0.07
C ASN A 62 11.91 21.62 1.44
N VAL A 63 12.92 21.14 2.16
CA VAL A 63 12.85 21.09 3.63
C VAL A 63 13.92 21.92 4.34
N LYS A 64 14.77 22.58 3.57
CA LYS A 64 15.82 23.43 4.13
C LYS A 64 15.26 24.44 5.13
N GLY A 65 15.87 24.48 6.31
CA GLY A 65 15.45 25.41 7.35
C GLY A 65 14.27 24.96 8.18
N ARG A 66 13.64 23.84 7.78
CA ARG A 66 12.45 23.36 8.49
C ARG A 66 12.70 22.01 9.15
N PHE A 67 13.42 21.11 8.46
CA PHE A 67 13.70 19.78 8.99
C PHE A 67 15.13 19.70 9.51
N THR A 68 15.32 18.95 10.60
CA THR A 68 16.65 18.70 11.15
C THR A 68 16.78 17.20 11.37
N ILE A 69 17.71 16.58 10.65
CA ILE A 69 18.02 15.17 10.88
C ILE A 69 19.13 15.08 11.93
N SER A 70 19.06 14.09 12.81
CA SER A 70 20.13 13.88 13.78
C SER A 70 20.20 12.42 14.16
N ARG A 71 21.20 12.04 14.95
CA ARG A 71 21.33 10.65 15.38
C ARG A 71 21.90 10.52 16.79
N ASP A 72 21.46 9.49 17.49
CA ASP A 72 22.03 9.10 18.78
C ASP A 72 22.59 7.69 18.63
N ASN A 73 23.89 7.59 18.48
CA ASN A 73 24.55 6.31 18.27
C ASN A 73 24.40 5.41 19.48
N ALA A 74 24.40 6.01 20.66
CA ALA A 74 24.22 5.27 21.91
C ALA A 74 22.85 4.61 22.00
N LYS A 75 21.85 5.19 21.35
CA LYS A 75 20.52 4.61 21.33
C LYS A 75 20.21 3.92 20.01
N ASN A 76 21.21 3.85 19.13
CA ASN A 76 21.01 3.34 17.77
C ASN A 76 19.77 3.95 17.13
N SER A 77 19.66 5.26 17.21
CA SER A 77 18.45 5.95 16.75
C SER A 77 18.74 7.06 15.76
N LEU A 78 17.89 7.16 14.75
CA LEU A 78 17.90 8.27 13.80
C LEU A 78 16.67 9.14 14.09
N TYR A 79 16.80 10.45 13.96
CA TYR A 79 15.70 11.36 14.25
C TYR A 79 15.46 12.35 13.13
N LEU A 80 14.19 12.70 12.93
CA LEU A 80 13.84 13.80 12.02
C LEU A 80 12.88 14.76 12.71
N GLN A 81 13.40 15.91 13.08
CA GLN A 81 12.59 16.98 13.67
C GLN A 81 12.02 17.81 12.53
N MET A 82 10.70 17.91 12.49
CA MET A 82 9.99 18.57 11.40
C MET A 82 9.21 19.79 11.91
N ASN A 83 9.58 20.97 11.44
CA ASN A 83 8.90 22.20 11.82
C ASN A 83 8.23 22.84 10.62
N SER A 84 7.32 23.79 10.89
CA SER A 84 6.64 24.54 9.85
C SER A 84 6.06 23.61 8.78
N LEU A 85 5.44 22.53 9.23
CA LEU A 85 4.94 21.51 8.32
C LEU A 85 3.87 22.10 7.39
N ARG A 86 3.80 21.55 6.17
CA ARG A 86 2.82 21.99 5.18
C ARG A 86 2.07 20.78 4.68
N ALA A 87 0.91 21.01 4.07
CA ALA A 87 0.13 19.94 3.47
C ALA A 87 0.98 19.12 2.50
N GLU A 88 1.90 19.80 1.82
CA GLU A 88 2.75 19.18 0.81
C GLU A 88 3.77 18.21 1.41
N ASP A 89 3.88 18.20 2.74
CA ASP A 89 4.82 17.30 3.42
C ASP A 89 4.16 15.99 3.84
N THR A 90 2.86 15.88 3.57
CA THR A 90 2.11 14.67 3.89
C THR A 90 2.67 13.49 3.11
N ALA A 91 3.18 12.49 3.81
CA ALA A 91 3.81 11.34 3.17
C ALA A 91 4.12 10.23 4.15
N LEU A 92 4.44 9.06 3.63
CA LEU A 92 5.01 7.99 4.43
C LEU A 92 6.52 8.23 4.47
N TYR A 93 7.07 8.33 5.67
CA TYR A 93 8.47 8.65 5.84
C TYR A 93 9.28 7.41 6.22
N TYR A 94 10.22 7.05 5.35
CA TYR A 94 11.09 5.88 5.53
C TYR A 94 12.49 6.23 6.04
N CYS A 95 12.95 5.43 7.00
CA CYS A 95 14.33 5.39 7.45
C CYS A 95 15.07 4.48 6.46
N VAL A 96 16.22 4.92 5.95
CA VAL A 96 16.93 4.19 4.90
C VAL A 96 18.45 4.15 5.15
N ARG A 97 19.04 2.96 5.08
CA ARG A 97 20.49 2.83 5.34
C ARG A 97 21.34 2.96 4.07
N TYR A 98 22.44 3.69 4.18
CA TYR A 98 23.41 3.75 3.09
C TYR A 98 24.48 2.68 3.27
N ASP A 99 24.62 1.81 2.27
CA ASP A 99 25.68 0.80 2.30
C ASP A 99 26.90 1.32 1.56
N HIS A 100 27.89 1.82 2.30
CA HIS A 100 29.10 2.34 1.66
C HIS A 100 29.90 1.27 0.92
N TYR A 101 29.69 0.00 1.25
CA TYR A 101 30.43 -1.07 0.61
C TYR A 101 29.95 -1.32 -0.82
N SER A 102 28.74 -0.89 -1.13
CA SER A 102 28.19 -1.08 -2.47
C SER A 102 27.94 0.26 -3.12
N GLY A 103 28.20 1.34 -2.39
CA GLY A 103 28.04 2.68 -2.91
C GLY A 103 26.59 3.04 -3.17
N SER A 104 25.69 2.53 -2.34
CA SER A 104 24.27 2.68 -2.58
C SER A 104 23.44 2.37 -1.34
N SER A 105 22.26 2.98 -1.24
CA SER A 105 21.33 2.73 -0.15
C SER A 105 20.74 1.32 -0.25
N ASP A 106 20.77 0.56 0.84
CA ASP A 106 20.19 -0.78 0.80
C ASP A 106 18.86 -0.94 1.54
N TYR A 107 18.89 -1.01 2.86
CA TYR A 107 17.69 -1.31 3.65
C TYR A 107 16.73 -0.13 3.87
N TRP A 108 15.44 -0.42 3.72
CA TRP A 108 14.37 0.54 3.99
C TRP A 108 13.59 0.07 5.21
N GLY A 109 13.17 1.02 6.04
CA GLY A 109 12.28 0.68 7.14
C GLY A 109 10.88 0.38 6.65
N GLN A 110 9.91 0.42 7.56
CA GLN A 110 8.53 0.18 7.18
C GLN A 110 7.80 1.49 6.88
N GLY A 111 8.40 2.60 7.30
CA GLY A 111 7.78 3.90 7.12
C GLY A 111 6.85 4.29 8.26
N THR A 112 6.75 5.59 8.52
CA THR A 112 5.78 6.13 9.47
C THR A 112 5.01 7.27 8.79
N LEU A 113 3.70 7.27 8.93
CA LEU A 113 2.88 8.18 8.12
C LEU A 113 2.66 9.55 8.76
N VAL A 114 2.99 10.60 8.02
CA VAL A 114 2.75 11.96 8.48
C VAL A 114 1.62 12.62 7.68
N THR A 115 0.58 13.06 8.37
CA THR A 115 -0.54 13.76 7.72
C THR A 115 -0.63 15.20 8.21
N VAL A 116 -0.48 16.16 7.30
CA VAL A 116 -0.59 17.56 7.67
C VAL A 116 -1.92 18.13 7.19
N SER A 117 -2.84 18.34 8.12
CA SER A 117 -4.19 18.77 7.78
C SER A 117 -4.86 19.46 8.95
N SER A 118 -5.86 20.27 8.65
CA SER A 118 -6.61 20.96 9.69
C SER A 118 -7.83 20.13 10.09
N ALA A 119 -8.00 19.00 9.41
CA ALA A 119 -9.10 18.08 9.70
C ALA A 119 -8.89 17.40 11.05
N SER A 120 -10.00 17.05 11.70
CA SER A 120 -9.96 16.46 13.03
C SER A 120 -9.68 14.96 13.00
N THR A 121 -9.03 14.46 14.05
CA THR A 121 -8.90 13.02 14.27
C THR A 121 -10.30 12.43 14.48
N LYS A 122 -10.57 11.28 13.87
CA LYS A 122 -11.78 10.53 14.19
C LYS A 122 -11.49 9.04 14.21
N GLY A 123 -12.00 8.36 15.24
CA GLY A 123 -11.83 6.92 15.32
C GLY A 123 -12.87 6.21 14.46
N PRO A 124 -12.55 5.01 13.99
CA PRO A 124 -13.49 4.29 13.15
C PRO A 124 -14.61 3.58 13.93
N SER A 125 -15.69 3.25 13.23
CA SER A 125 -16.63 2.27 13.73
C SER A 125 -16.31 0.98 13.00
N VAL A 126 -16.34 -0.14 13.72
CA VAL A 126 -16.06 -1.44 13.12
C VAL A 126 -17.34 -2.27 13.05
N PHE A 127 -17.75 -2.60 11.83
CA PHE A 127 -18.95 -3.39 11.64
C PHE A 127 -18.65 -4.77 11.05
N PRO A 128 -19.37 -5.79 11.54
CA PRO A 128 -19.27 -7.16 11.01
C PRO A 128 -19.87 -7.29 9.62
N LEU A 129 -19.19 -7.99 8.73
CA LEU A 129 -19.78 -8.44 7.47
C LEU A 129 -20.09 -9.91 7.65
N ALA A 130 -21.32 -10.22 8.05
CA ALA A 130 -21.65 -11.58 8.48
C ALA A 130 -21.76 -12.53 7.30
N PRO A 131 -21.11 -13.70 7.42
CA PRO A 131 -21.31 -14.76 6.43
C PRO A 131 -22.77 -15.21 6.46
N SER A 132 -23.44 -15.12 5.32
CA SER A 132 -24.85 -15.47 5.26
C SER A 132 -25.06 -16.86 4.69
N SER A 133 -25.57 -16.91 3.46
CA SER A 133 -25.81 -18.15 2.76
C SER A 133 -25.79 -17.91 1.25
N LYS A 134 -25.29 -18.87 0.48
CA LYS A 134 -24.73 -20.12 1.02
C LYS A 134 -23.20 -20.23 1.35
N SER A 135 -22.31 -19.39 0.82
CA SER A 135 -22.55 -18.34 -0.16
C SER A 135 -22.36 -18.88 -1.57
N THR A 136 -21.59 -19.97 -1.67
CA THR A 136 -21.23 -20.55 -2.96
C THR A 136 -21.77 -21.97 -3.12
N SER A 137 -21.94 -22.38 -4.37
CA SER A 137 -22.33 -23.75 -4.71
C SER A 137 -21.27 -24.75 -4.23
N GLY A 138 -20.06 -24.25 -3.93
CA GLY A 138 -18.92 -25.10 -3.67
C GLY A 138 -18.30 -25.07 -2.28
N GLY A 139 -19.09 -24.72 -1.27
CA GLY A 139 -18.65 -24.87 0.11
C GLY A 139 -17.71 -23.82 0.67
N THR A 140 -17.73 -22.63 0.09
CA THR A 140 -16.91 -21.52 0.56
C THR A 140 -17.78 -20.39 1.13
N ALA A 141 -17.39 -19.86 2.28
CA ALA A 141 -18.09 -18.72 2.86
C ALA A 141 -17.19 -17.49 2.89
N ALA A 142 -17.79 -16.32 2.72
CA ALA A 142 -17.05 -15.07 2.84
C ALA A 142 -17.56 -14.29 4.06
N LEU A 143 -16.63 -13.77 4.85
CA LEU A 143 -16.98 -12.92 5.98
C LEU A 143 -15.97 -11.79 6.06
N GLY A 144 -16.26 -10.77 6.85
CA GLY A 144 -15.33 -9.66 6.97
C GLY A 144 -15.72 -8.56 7.94
N CYS A 145 -14.96 -7.46 7.89
CA CYS A 145 -15.19 -6.34 8.77
C CYS A 145 -15.16 -5.03 7.98
N LEU A 146 -16.14 -4.19 8.23
CA LEU A 146 -16.16 -2.86 7.64
C LEU A 146 -15.69 -1.84 8.66
N VAL A 147 -14.59 -1.15 8.33
CA VAL A 147 -13.99 -0.15 9.21
C VAL A 147 -14.32 1.26 8.70
N LYS A 148 -15.32 1.90 9.30
CA LYS A 148 -15.95 3.06 8.66
C LYS A 148 -15.70 4.42 9.32
N ASP A 149 -15.42 5.42 8.49
CA ASP A 149 -15.33 6.84 8.89
C ASP A 149 -14.22 7.14 9.90
N TYR A 150 -12.97 7.07 9.45
CA TYR A 150 -11.84 7.39 10.31
C TYR A 150 -10.90 8.39 9.64
N PHE A 151 -10.07 9.04 10.46
CA PHE A 151 -9.07 9.95 9.97
C PHE A 151 -8.11 10.22 11.13
N PRO A 152 -6.80 10.27 10.85
CA PRO A 152 -6.22 10.04 9.53
C PRO A 152 -5.88 8.57 9.30
N GLN A 153 -5.17 8.29 8.22
CA GLN A 153 -4.59 6.97 8.02
C GLN A 153 -3.42 6.84 8.99
N PRO A 154 -2.99 5.60 9.29
CA PRO A 154 -3.47 4.34 8.75
C PRO A 154 -4.30 3.55 9.75
N VAL A 155 -4.98 2.52 9.25
CA VAL A 155 -5.65 1.53 10.06
C VAL A 155 -5.03 0.18 9.71
N THR A 156 -4.81 -0.68 10.71
CA THR A 156 -4.38 -2.04 10.44
C THR A 156 -5.46 -3.06 10.83
N VAL A 157 -5.52 -4.16 10.10
CA VAL A 157 -6.46 -5.23 10.39
C VAL A 157 -5.73 -6.56 10.36
N SER A 158 -5.98 -7.39 11.36
CA SER A 158 -5.53 -8.79 11.35
C SER A 158 -6.74 -9.66 11.69
N TRP A 159 -6.61 -10.97 11.49
CA TRP A 159 -7.69 -11.88 11.84
C TRP A 159 -7.23 -12.91 12.86
N ASN A 160 -8.03 -13.08 13.91
CA ASN A 160 -7.67 -13.96 15.03
C ASN A 160 -6.23 -13.73 15.51
N SER A 161 -5.90 -12.46 15.76
CA SER A 161 -4.62 -12.07 16.33
C SER A 161 -3.41 -12.51 15.51
N GLY A 162 -3.61 -12.73 14.22
CA GLY A 162 -2.51 -13.08 13.32
C GLY A 162 -2.51 -14.54 12.89
N ALA A 163 -3.31 -15.36 13.58
CA ALA A 163 -3.37 -16.79 13.29
C ALA A 163 -3.96 -17.06 11.91
N LEU A 164 -4.97 -16.27 11.53
CA LEU A 164 -5.66 -16.46 10.27
C LEU A 164 -5.20 -15.46 9.21
N THR A 165 -4.46 -15.94 8.22
CA THR A 165 -3.94 -15.08 7.16
C THR A 165 -4.32 -15.59 5.76
N SER A 166 -4.68 -16.87 5.69
CA SER A 166 -5.02 -17.46 4.40
C SER A 166 -6.35 -16.91 3.91
N GLY A 167 -6.37 -16.45 2.66
CA GLY A 167 -7.58 -15.95 2.04
C GLY A 167 -8.08 -14.62 2.59
N VAL A 168 -7.17 -13.84 3.19
CA VAL A 168 -7.50 -12.53 3.72
C VAL A 168 -7.22 -11.44 2.70
N HIS A 169 -8.21 -10.58 2.45
CA HIS A 169 -7.99 -9.37 1.65
C HIS A 169 -8.39 -8.14 2.45
N THR A 170 -7.42 -7.29 2.77
CA THR A 170 -7.71 -6.00 3.38
C THR A 170 -7.57 -4.94 2.31
N PHE A 171 -8.67 -4.26 2.00
CA PHE A 171 -8.70 -3.34 0.88
C PHE A 171 -8.03 -2.01 1.20
N PRO A 172 -7.46 -1.36 0.17
CA PRO A 172 -6.94 0.00 0.35
C PRO A 172 -8.10 0.88 0.78
N ALA A 173 -7.86 1.84 1.68
CA ALA A 173 -8.94 2.70 2.14
C ALA A 173 -9.47 3.55 1.00
N VAL A 174 -10.74 3.92 1.08
CA VAL A 174 -11.31 4.89 0.16
C VAL A 174 -11.50 6.21 0.89
N LEU A 175 -10.98 7.29 0.32
CA LEU A 175 -11.23 8.62 0.87
C LEU A 175 -12.62 9.07 0.42
N GLN A 176 -13.52 9.21 1.38
CA GLN A 176 -14.90 9.60 1.10
C GLN A 176 -15.00 11.12 0.90
N SER A 177 -16.12 11.58 0.35
CA SER A 177 -16.33 13.00 0.07
C SER A 177 -16.17 13.87 1.31
N SER A 178 -16.58 13.34 2.46
CA SER A 178 -16.52 14.07 3.73
C SER A 178 -15.09 14.30 4.24
N GLY A 179 -14.11 13.65 3.63
CA GLY A 179 -12.74 13.75 4.10
C GLY A 179 -12.34 12.59 5.01
N LEU A 180 -13.31 11.73 5.33
CA LEU A 180 -13.06 10.55 6.16
C LEU A 180 -12.77 9.29 5.32
N TYR A 181 -12.02 8.34 5.91
CA TYR A 181 -11.72 7.08 5.24
C TYR A 181 -12.62 5.93 5.70
N SER A 182 -12.83 4.97 4.81
CA SER A 182 -13.41 3.69 5.19
C SER A 182 -12.62 2.59 4.50
N LEU A 183 -12.56 1.42 5.12
CA LEU A 183 -12.07 0.25 4.41
C LEU A 183 -12.82 -0.99 4.87
N SER A 184 -12.55 -2.09 4.18
CA SER A 184 -13.08 -3.37 4.57
C SER A 184 -11.95 -4.38 4.53
N SER A 185 -12.07 -5.43 5.34
CA SER A 185 -11.18 -6.56 5.29
C SER A 185 -12.05 -7.79 5.25
N VAL A 186 -11.74 -8.71 4.34
CA VAL A 186 -12.56 -9.91 4.17
C VAL A 186 -11.71 -11.17 4.21
N VAL A 187 -12.35 -12.29 4.50
CA VAL A 187 -11.67 -13.59 4.42
C VAL A 187 -12.65 -14.66 3.93
N THR A 188 -12.16 -15.53 3.05
CA THR A 188 -12.94 -16.69 2.64
C THR A 188 -12.51 -17.87 3.48
N VAL A 189 -13.49 -18.60 4.01
CA VAL A 189 -13.23 -19.75 4.84
C VAL A 189 -14.15 -20.88 4.38
N PRO A 190 -13.82 -22.13 4.73
CA PRO A 190 -14.73 -23.25 4.48
C PRO A 190 -16.10 -23.02 5.12
N SER A 191 -17.18 -23.32 4.41
CA SER A 191 -18.53 -23.17 4.95
C SER A 191 -18.76 -24.00 6.21
N SER A 192 -18.05 -25.14 6.29
CA SER A 192 -18.22 -26.07 7.40
C SER A 192 -17.57 -25.57 8.69
N SER A 193 -16.70 -24.57 8.59
CA SER A 193 -16.01 -24.04 9.76
C SER A 193 -16.87 -23.06 10.56
N LEU A 194 -17.85 -22.46 9.89
CA LEU A 194 -18.69 -21.41 10.47
C LEU A 194 -19.36 -21.82 11.78
N GLY A 195 -19.73 -23.09 11.90
CA GLY A 195 -20.39 -23.58 13.09
C GLY A 195 -19.47 -23.61 14.29
N THR A 196 -18.20 -23.96 14.05
CA THR A 196 -17.26 -24.23 15.12
C THR A 196 -16.16 -23.17 15.27
N GLN A 197 -15.57 -22.75 14.16
CA GLN A 197 -14.46 -21.80 14.19
C GLN A 197 -14.92 -20.37 14.53
N THR A 198 -14.14 -19.70 15.38
CA THR A 198 -14.43 -18.32 15.77
C THR A 198 -13.65 -17.35 14.86
N TYR A 199 -14.34 -16.33 14.37
CA TYR A 199 -13.69 -15.32 13.54
C TYR A 199 -13.77 -13.91 14.15
N ILE A 200 -12.60 -13.32 14.37
CA ILE A 200 -12.48 -11.99 14.98
C ILE A 200 -11.51 -11.14 14.18
N CYS A 201 -11.96 -9.96 13.76
CA CYS A 201 -11.04 -9.01 13.15
C CYS A 201 -10.47 -8.08 14.21
N ASN A 202 -9.15 -7.91 14.18
CA ASN A 202 -8.49 -7.01 15.12
C ASN A 202 -8.12 -5.69 14.44
N VAL A 203 -8.86 -4.64 14.76
CA VAL A 203 -8.66 -3.35 14.12
C VAL A 203 -7.88 -2.36 15.00
N ASN A 204 -6.82 -1.78 14.44
CA ASN A 204 -6.01 -0.79 15.13
C ASN A 204 -6.01 0.54 14.41
N HIS A 205 -6.51 1.58 15.07
CA HIS A 205 -6.35 2.95 14.58
C HIS A 205 -5.58 3.72 15.65
N LYS A 206 -4.26 3.68 15.53
CA LYS A 206 -3.38 4.34 16.49
C LYS A 206 -3.59 5.85 16.65
N PRO A 207 -3.81 6.59 15.54
CA PRO A 207 -4.00 8.04 15.74
C PRO A 207 -5.16 8.40 16.65
N SER A 208 -6.12 7.51 16.82
CA SER A 208 -7.23 7.78 17.73
C SER A 208 -7.20 6.86 18.95
N ASN A 209 -6.05 6.23 19.18
CA ASN A 209 -5.91 5.28 20.28
C ASN A 209 -6.99 4.20 20.24
N THR A 210 -7.50 3.91 19.05
CA THR A 210 -8.60 2.96 18.90
C THR A 210 -8.09 1.54 18.69
N LYS A 211 -8.54 0.63 19.55
CA LYS A 211 -8.22 -0.78 19.43
C LYS A 211 -9.51 -1.58 19.57
N VAL A 212 -9.87 -2.32 18.52
CA VAL A 212 -11.13 -3.05 18.50
C VAL A 212 -10.94 -4.47 17.97
N ASP A 213 -11.43 -5.44 18.71
CA ASP A 213 -11.44 -6.82 18.26
C ASP A 213 -12.90 -7.20 18.07
N LYS A 214 -13.32 -7.39 16.81
CA LYS A 214 -14.74 -7.61 16.52
C LYS A 214 -15.03 -9.04 16.08
N LYS A 215 -15.88 -9.73 16.84
CA LYS A 215 -16.25 -11.09 16.53
C LYS A 215 -17.29 -11.10 15.41
N VAL A 216 -17.01 -11.84 14.34
CA VAL A 216 -17.94 -11.93 13.22
C VAL A 216 -18.61 -13.31 13.22
N GLU A 217 -19.91 -13.32 13.50
CA GLU A 217 -20.68 -14.55 13.52
C GLU A 217 -21.78 -14.49 12.46
N PRO A 218 -22.12 -15.66 11.87
CA PRO A 218 -23.13 -15.72 10.80
C PRO A 218 -24.52 -15.30 11.27
N LYS A 219 -25.40 -15.00 10.32
CA LYS A 219 -26.77 -14.56 10.62
C LYS A 219 -26.82 -13.34 11.55
N TYR B 2 17.96 18.01 -9.64
CA TYR B 2 18.56 18.48 -10.88
C TYR B 2 18.69 17.38 -11.94
N VAL B 3 19.22 16.22 -11.56
CA VAL B 3 19.33 15.10 -12.49
C VAL B 3 18.00 14.34 -12.56
N VAL B 4 17.29 14.50 -13.67
CA VAL B 4 15.97 13.88 -13.83
C VAL B 4 16.10 12.42 -14.29
N MET B 5 15.37 11.54 -13.62
CA MET B 5 15.34 10.13 -13.98
C MET B 5 14.00 9.79 -14.64
N THR B 6 14.07 9.27 -15.86
CA THR B 6 12.87 8.98 -16.64
C THR B 6 12.78 7.49 -16.94
N GLN B 7 11.69 6.85 -16.53
CA GLN B 7 11.53 5.41 -16.79
C GLN B 7 10.49 5.16 -17.88
N SER B 8 10.62 4.04 -18.58
CA SER B 8 9.62 3.66 -19.57
C SER B 8 9.64 2.17 -19.85
N PRO B 9 8.46 1.55 -20.01
CA PRO B 9 7.14 2.19 -19.89
C PRO B 9 6.77 2.42 -18.43
N LEU B 10 5.68 3.15 -18.19
CA LEU B 10 5.25 3.41 -16.82
C LEU B 10 4.39 2.27 -16.33
N SER B 11 3.80 1.53 -17.28
CA SER B 11 3.02 0.34 -16.98
C SER B 11 3.46 -0.77 -17.91
N LEU B 12 3.74 -1.94 -17.33
CA LEU B 12 4.29 -3.05 -18.10
C LEU B 12 3.57 -4.35 -17.81
N PRO B 13 2.54 -4.66 -18.61
CA PRO B 13 1.93 -5.99 -18.50
C PRO B 13 2.75 -7.01 -19.29
N VAL B 14 3.01 -8.16 -18.69
CA VAL B 14 3.82 -9.19 -19.31
C VAL B 14 3.26 -10.57 -19.00
N THR B 15 3.25 -11.45 -19.98
CA THR B 15 2.82 -12.83 -19.76
C THR B 15 3.89 -13.58 -18.97
N PRO B 16 3.48 -14.34 -17.92
CA PRO B 16 4.47 -15.07 -17.13
C PRO B 16 5.24 -16.06 -17.97
N GLY B 17 6.53 -16.22 -17.70
CA GLY B 17 7.40 -17.03 -18.54
C GLY B 17 8.11 -16.18 -19.58
N GLU B 18 7.55 -15.01 -19.88
CA GLU B 18 8.10 -14.13 -20.91
C GLU B 18 9.01 -13.04 -20.33
N PRO B 19 9.94 -12.53 -21.15
CA PRO B 19 10.85 -11.49 -20.64
C PRO B 19 10.19 -10.13 -20.50
N ALA B 20 10.83 -9.25 -19.75
CA ALA B 20 10.38 -7.87 -19.60
C ALA B 20 11.59 -6.98 -19.51
N SER B 21 11.46 -5.75 -20.01
CA SER B 21 12.54 -4.78 -19.97
C SER B 21 12.00 -3.44 -19.51
N ILE B 22 12.77 -2.77 -18.66
CA ILE B 22 12.43 -1.42 -18.22
C ILE B 22 13.61 -0.52 -18.54
N SER B 23 13.30 0.63 -19.12
CA SER B 23 14.31 1.61 -19.47
C SER B 23 14.38 2.71 -18.41
N CYS B 24 15.61 3.13 -18.12
CA CYS B 24 15.88 4.19 -17.17
C CYS B 24 16.89 5.15 -17.78
N LYS B 25 16.50 6.40 -17.94
CA LYS B 25 17.39 7.38 -18.54
C LYS B 25 17.58 8.63 -17.67
N SER B 26 18.84 9.06 -17.53
CA SER B 26 19.16 10.24 -16.73
C SER B 26 19.43 11.44 -17.63
N SER B 27 19.20 12.63 -17.10
CA SER B 27 19.39 13.86 -17.87
C SER B 27 20.86 14.22 -17.98
N GLN B 28 21.69 13.59 -17.15
CA GLN B 28 23.13 13.79 -17.19
C GLN B 28 23.79 12.45 -16.96
N SER B 29 24.99 12.27 -17.51
CA SER B 29 25.74 11.01 -17.36
C SER B 29 25.95 10.65 -15.89
N LEU B 30 25.81 9.37 -15.57
CA LEU B 30 25.98 8.90 -14.20
C LEU B 30 27.38 8.36 -13.95
N LEU B 31 28.28 8.57 -14.90
CA LEU B 31 29.68 8.21 -14.70
C LEU B 31 30.32 9.19 -13.71
N ASP B 32 30.74 8.67 -12.56
CA ASP B 32 31.33 9.51 -11.52
C ASP B 32 32.81 9.71 -11.84
N SER B 33 33.39 10.77 -11.30
CA SER B 33 34.82 11.05 -11.51
C SER B 33 35.72 9.96 -10.93
N ASP B 34 35.14 9.08 -10.12
CA ASP B 34 35.91 7.96 -9.58
C ASP B 34 35.87 6.76 -10.53
N GLY B 35 35.15 6.92 -11.63
CA GLY B 35 35.11 5.90 -12.66
C GLY B 35 33.95 4.93 -12.52
N LYS B 36 33.22 5.05 -11.42
CA LYS B 36 32.07 4.18 -11.21
C LYS B 36 30.77 4.83 -11.67
N THR B 37 29.77 4.01 -11.96
CA THR B 37 28.48 4.51 -12.40
C THR B 37 27.44 4.05 -11.38
N TYR B 38 26.89 5.01 -10.64
CA TYR B 38 26.01 4.67 -9.52
C TYR B 38 24.55 4.69 -9.93
N LEU B 39 24.15 3.67 -10.69
CA LEU B 39 22.74 3.50 -11.05
C LEU B 39 22.20 2.26 -10.32
N ASN B 40 21.05 2.40 -9.69
CA ASN B 40 20.46 1.31 -8.92
C ASN B 40 19.00 1.04 -9.26
N TRP B 41 18.56 -0.17 -8.95
CA TRP B 41 17.19 -0.60 -9.13
C TRP B 41 16.64 -1.22 -7.84
N LEU B 42 15.43 -0.81 -7.46
CA LEU B 42 14.68 -1.45 -6.39
C LEU B 42 13.27 -1.81 -6.84
N LEU B 43 12.63 -2.65 -6.04
CA LEU B 43 11.26 -3.07 -6.28
C LEU B 43 10.40 -2.85 -5.05
N GLN B 44 9.23 -2.26 -5.25
CA GLN B 44 8.24 -2.16 -4.17
C GLN B 44 7.04 -3.04 -4.46
N LYS B 45 6.93 -4.14 -3.73
CA LYS B 45 5.83 -5.09 -3.87
C LYS B 45 4.58 -4.56 -3.19
N PRO B 46 3.42 -5.16 -3.51
CA PRO B 46 2.17 -4.81 -2.82
C PRO B 46 2.28 -4.88 -1.30
N GLY B 47 1.88 -3.81 -0.64
CA GLY B 47 1.89 -3.76 0.82
C GLY B 47 3.24 -3.92 1.49
N GLN B 48 4.33 -3.67 0.76
CA GLN B 48 5.66 -3.89 1.30
C GLN B 48 6.62 -2.70 1.20
N SER B 49 7.70 -2.76 1.96
CA SER B 49 8.78 -1.78 1.87
C SER B 49 9.60 -2.02 0.61
N PRO B 50 10.19 -0.95 0.05
CA PRO B 50 11.10 -1.12 -1.09
C PRO B 50 12.26 -2.05 -0.73
N GLN B 51 12.72 -2.84 -1.69
CA GLN B 51 13.87 -3.70 -1.50
C GLN B 51 14.81 -3.54 -2.68
N ARG B 52 16.10 -3.46 -2.41
CA ARG B 52 17.07 -3.26 -3.48
C ARG B 52 17.23 -4.50 -4.35
N LEU B 53 17.36 -4.28 -5.65
CA LEU B 53 17.59 -5.40 -6.56
C LEU B 53 19.01 -5.31 -7.08
N ILE B 54 19.40 -4.12 -7.51
CA ILE B 54 20.65 -3.96 -8.25
C ILE B 54 21.39 -2.67 -7.90
N TYR B 55 22.70 -2.75 -7.74
CA TYR B 55 23.54 -1.57 -7.55
C TYR B 55 24.68 -1.55 -8.56
N LEU B 56 25.25 -0.37 -8.80
CA LEU B 56 26.37 -0.23 -9.73
C LEU B 56 26.03 -0.85 -11.09
N VAL B 57 24.86 -0.48 -11.61
CA VAL B 57 24.40 -0.90 -12.94
C VAL B 57 23.96 -2.37 -13.07
N SER B 58 24.83 -3.30 -12.65
CA SER B 58 24.63 -4.71 -13.00
C SER B 58 24.81 -5.70 -11.85
N LYS B 59 25.13 -5.20 -10.66
CA LYS B 59 25.43 -6.11 -9.55
C LYS B 59 24.16 -6.55 -8.80
N LEU B 60 23.95 -7.86 -8.73
CA LEU B 60 22.82 -8.43 -8.00
C LEU B 60 22.97 -8.29 -6.49
N ASP B 61 21.92 -7.80 -5.83
CA ASP B 61 21.94 -7.69 -4.37
C ASP B 61 21.61 -9.03 -3.75
N SER B 62 21.76 -9.13 -2.43
CA SER B 62 21.57 -10.38 -1.69
C SER B 62 20.20 -10.98 -1.95
N GLY B 63 20.18 -12.26 -2.34
CA GLY B 63 18.94 -13.01 -2.42
C GLY B 63 18.16 -12.79 -3.69
N VAL B 64 18.67 -11.93 -4.57
CA VAL B 64 17.97 -11.61 -5.81
C VAL B 64 18.28 -12.64 -6.90
N PRO B 65 17.22 -13.24 -7.48
CA PRO B 65 17.31 -14.30 -8.48
C PRO B 65 18.01 -13.83 -9.75
N ASP B 66 18.79 -14.69 -10.42
CA ASP B 66 19.56 -14.24 -11.58
C ASP B 66 18.76 -14.04 -12.87
N ARG B 67 17.44 -14.21 -12.80
CA ARG B 67 16.60 -13.83 -13.94
C ARG B 67 16.56 -12.30 -14.04
N PHE B 68 16.95 -11.62 -12.96
CA PHE B 68 17.14 -10.17 -12.98
C PHE B 68 18.56 -9.82 -13.46
N SER B 69 18.66 -8.86 -14.36
CA SER B 69 19.95 -8.36 -14.81
C SER B 69 19.85 -6.86 -15.10
N GLY B 70 20.97 -6.16 -15.02
CA GLY B 70 20.98 -4.74 -15.35
C GLY B 70 22.12 -4.41 -16.28
N SER B 71 21.90 -3.44 -17.15
CA SER B 71 22.97 -3.01 -18.06
C SER B 71 22.82 -1.54 -18.38
N GLY B 72 23.82 -0.98 -19.04
CA GLY B 72 23.77 0.41 -19.47
C GLY B 72 25.01 1.21 -19.11
N SER B 73 25.03 2.46 -19.55
CA SER B 73 26.10 3.39 -19.23
C SER B 73 25.70 4.80 -19.59
N GLY B 74 26.49 5.78 -19.12
CA GLY B 74 26.22 7.18 -19.41
C GLY B 74 24.88 7.62 -18.85
N THR B 75 23.91 7.78 -19.74
CA THR B 75 22.58 8.23 -19.39
C THR B 75 21.52 7.17 -19.69
N ASP B 76 21.97 5.99 -20.14
CA ASP B 76 21.06 4.99 -20.70
C ASP B 76 21.17 3.63 -20.00
N PHE B 77 20.09 3.20 -19.35
CA PHE B 77 20.16 1.97 -18.54
C PHE B 77 18.92 1.09 -18.68
N THR B 78 19.06 -0.20 -18.41
CA THR B 78 17.98 -1.16 -18.59
C THR B 78 17.97 -2.26 -17.53
N LEU B 79 16.80 -2.49 -16.93
CA LEU B 79 16.59 -3.66 -16.09
C LEU B 79 15.88 -4.71 -16.93
N LYS B 80 16.37 -5.94 -16.88
CA LYS B 80 15.77 -7.04 -17.63
C LYS B 80 15.39 -8.16 -16.69
N ILE B 81 14.20 -8.71 -16.90
CA ILE B 81 13.77 -9.93 -16.24
C ILE B 81 13.60 -10.98 -17.34
N SER B 82 14.44 -12.01 -17.31
CA SER B 82 14.45 -13.04 -18.37
C SER B 82 13.14 -13.81 -18.46
N ARG B 83 12.63 -14.28 -17.31
CA ARG B 83 11.35 -14.97 -17.26
C ARG B 83 10.54 -14.47 -16.08
N VAL B 84 9.57 -13.60 -16.34
CA VAL B 84 8.77 -13.01 -15.27
C VAL B 84 7.95 -14.03 -14.49
N GLU B 85 8.01 -13.95 -13.16
CA GLU B 85 7.26 -14.81 -12.26
C GLU B 85 6.19 -13.97 -11.57
N ALA B 86 5.14 -14.61 -11.08
CA ALA B 86 4.07 -13.92 -10.35
C ALA B 86 4.61 -13.05 -9.21
N GLU B 87 5.71 -13.49 -8.61
CA GLU B 87 6.29 -12.82 -7.45
C GLU B 87 7.05 -11.57 -7.84
N ASP B 88 7.19 -11.34 -9.14
CA ASP B 88 7.87 -10.15 -9.65
C ASP B 88 6.91 -8.94 -9.77
N VAL B 89 5.64 -9.14 -9.42
CA VAL B 89 4.67 -8.06 -9.54
C VAL B 89 4.97 -6.92 -8.55
N GLY B 90 4.76 -5.69 -8.99
CA GLY B 90 5.01 -4.53 -8.12
C GLY B 90 5.50 -3.36 -8.93
N VAL B 91 6.03 -2.34 -8.24
CA VAL B 91 6.51 -1.14 -8.91
C VAL B 91 8.03 -1.02 -8.82
N TYR B 92 8.67 -0.90 -9.98
CA TYR B 92 10.13 -0.85 -10.05
C TYR B 92 10.64 0.59 -10.17
N TYR B 93 11.67 0.91 -9.40
CA TYR B 93 12.24 2.26 -9.41
C TYR B 93 13.74 2.18 -9.67
N CYS B 94 14.24 3.07 -10.52
CA CYS B 94 15.68 3.27 -10.61
C CYS B 94 16.03 4.53 -9.86
N TRP B 95 17.29 4.65 -9.43
CA TRP B 95 17.74 5.85 -8.76
C TRP B 95 19.25 5.99 -8.88
N GLN B 96 19.72 7.22 -8.91
CA GLN B 96 21.14 7.48 -9.17
C GLN B 96 21.84 7.97 -7.91
N GLY B 97 23.04 7.46 -7.67
CA GLY B 97 23.84 7.89 -6.53
C GLY B 97 25.11 8.61 -6.95
N THR B 98 25.13 9.12 -8.18
CA THR B 98 26.31 9.82 -8.70
C THR B 98 26.27 11.31 -8.38
N HIS B 99 25.08 11.90 -8.48
CA HIS B 99 24.93 13.35 -8.32
C HIS B 99 24.04 13.70 -7.13
N PHE B 100 24.47 14.71 -6.36
CA PHE B 100 23.66 15.27 -5.28
C PHE B 100 22.73 16.34 -5.85
N PRO B 101 21.43 16.25 -5.53
CA PRO B 101 20.83 15.28 -4.62
C PRO B 101 20.36 13.97 -5.28
N ARG B 102 20.07 12.98 -4.45
CA ARG B 102 19.53 11.68 -4.90
C ARG B 102 18.21 11.87 -5.64
N THR B 103 18.08 11.24 -6.80
CA THR B 103 16.84 11.32 -7.56
C THR B 103 16.38 9.93 -7.99
N PHE B 104 15.07 9.72 -7.98
CA PHE B 104 14.48 8.45 -8.37
C PHE B 104 13.71 8.62 -9.69
N GLY B 105 13.48 7.51 -10.40
CA GLY B 105 12.56 7.51 -11.52
C GLY B 105 11.12 7.50 -11.02
N GLN B 106 10.16 7.60 -11.93
CA GLN B 106 8.76 7.73 -11.53
C GLN B 106 8.15 6.41 -11.07
N GLY B 107 8.73 5.31 -11.54
CA GLY B 107 8.23 3.99 -11.20
C GLY B 107 7.57 3.32 -12.38
N THR B 108 7.72 2.01 -12.47
CA THR B 108 7.10 1.22 -13.52
C THR B 108 6.33 0.08 -12.87
N LYS B 109 5.01 0.08 -12.99
CA LYS B 109 4.23 -1.01 -12.39
C LYS B 109 4.15 -2.22 -13.34
N VAL B 110 4.74 -3.33 -12.91
CA VAL B 110 4.68 -4.56 -13.67
C VAL B 110 3.38 -5.28 -13.34
N GLU B 111 2.63 -5.65 -14.36
CA GLU B 111 1.41 -6.43 -14.18
C GLU B 111 1.58 -7.81 -14.82
N ILE B 112 1.15 -8.85 -14.12
CA ILE B 112 1.21 -10.20 -14.68
C ILE B 112 -0.08 -10.56 -15.40
N LYS B 113 0.03 -10.99 -16.66
CA LYS B 113 -1.13 -11.37 -17.45
C LYS B 113 -1.40 -12.87 -17.34
N ARG B 114 -2.03 -13.27 -16.24
CA ARG B 114 -2.44 -14.66 -16.03
C ARG B 114 -3.69 -14.97 -16.83
N THR B 115 -4.21 -16.19 -16.69
CA THR B 115 -5.47 -16.57 -17.33
C THR B 115 -6.66 -15.81 -16.73
N VAL B 116 -7.66 -15.57 -17.56
CA VAL B 116 -8.90 -14.95 -17.11
C VAL B 116 -9.52 -15.75 -15.96
N ALA B 117 -9.88 -15.05 -14.89
CA ALA B 117 -10.56 -15.65 -13.75
C ALA B 117 -11.80 -14.84 -13.42
N ALA B 118 -12.95 -15.50 -13.35
CA ALA B 118 -14.18 -14.81 -12.99
C ALA B 118 -14.20 -14.52 -11.49
N PRO B 119 -14.82 -13.40 -11.10
CA PRO B 119 -14.90 -13.09 -9.67
C PRO B 119 -15.96 -13.95 -8.96
N SER B 120 -15.70 -14.31 -7.71
CA SER B 120 -16.73 -14.87 -6.87
C SER B 120 -17.44 -13.69 -6.22
N VAL B 121 -18.75 -13.60 -6.38
CA VAL B 121 -19.50 -12.43 -5.91
C VAL B 121 -20.26 -12.72 -4.62
N PHE B 122 -20.09 -11.84 -3.63
CA PHE B 122 -20.78 -11.97 -2.37
C PHE B 122 -21.44 -10.63 -2.01
N ILE B 123 -22.66 -10.68 -1.50
CA ILE B 123 -23.35 -9.47 -1.03
C ILE B 123 -23.52 -9.52 0.49
N PHE B 124 -23.36 -8.36 1.14
CA PHE B 124 -23.46 -8.28 2.60
C PHE B 124 -24.44 -7.19 3.03
N PRO B 125 -25.53 -7.58 3.68
CA PRO B 125 -26.47 -6.60 4.22
C PRO B 125 -25.83 -5.88 5.40
N PRO B 126 -26.29 -4.66 5.72
CA PRO B 126 -25.74 -3.89 6.84
C PRO B 126 -25.91 -4.62 8.17
N SER B 127 -25.03 -4.34 9.12
CA SER B 127 -25.10 -4.92 10.45
C SER B 127 -26.17 -4.20 11.25
N ASP B 128 -26.73 -4.85 12.26
CA ASP B 128 -27.73 -4.20 13.11
C ASP B 128 -27.05 -3.14 13.98
N GLU B 129 -25.76 -3.33 14.25
CA GLU B 129 -24.93 -2.32 14.90
C GLU B 129 -25.00 -1.00 14.15
N GLN B 130 -24.70 -1.05 12.86
CA GLN B 130 -24.70 0.16 12.04
C GLN B 130 -26.10 0.76 11.92
N LEU B 131 -27.10 -0.11 11.75
CA LEU B 131 -28.48 0.33 11.63
C LEU B 131 -28.89 1.12 12.87
N LYS B 132 -28.44 0.66 14.03
CA LYS B 132 -28.66 1.38 15.28
C LYS B 132 -28.07 2.80 15.25
N SER B 133 -26.95 2.96 14.55
CA SER B 133 -26.27 4.25 14.49
C SER B 133 -26.91 5.20 13.48
N GLY B 134 -27.94 4.75 12.78
CA GLY B 134 -28.68 5.62 11.88
C GLY B 134 -28.33 5.52 10.41
N THR B 135 -27.27 4.78 10.08
CA THR B 135 -26.82 4.64 8.70
C THR B 135 -26.83 3.17 8.24
N ALA B 136 -26.68 2.94 6.94
CA ALA B 136 -26.78 1.60 6.38
C ALA B 136 -25.79 1.37 5.23
N SER B 137 -24.80 0.50 5.45
CA SER B 137 -23.84 0.17 4.40
C SER B 137 -24.08 -1.23 3.85
N VAL B 138 -24.18 -1.34 2.53
CA VAL B 138 -24.30 -2.64 1.86
C VAL B 138 -23.03 -2.90 1.07
N VAL B 139 -22.39 -4.05 1.31
CA VAL B 139 -21.13 -4.37 0.65
C VAL B 139 -21.29 -5.48 -0.37
N CYS B 140 -20.69 -5.29 -1.54
CA CYS B 140 -20.64 -6.32 -2.56
C CYS B 140 -19.17 -6.68 -2.74
N LEU B 141 -18.83 -7.96 -2.61
CA LEU B 141 -17.43 -8.39 -2.74
C LEU B 141 -17.17 -9.20 -4.01
N LEU B 142 -16.18 -8.76 -4.79
CA LEU B 142 -15.69 -9.51 -5.96
C LEU B 142 -14.32 -10.10 -5.65
N ASN B 143 -14.26 -11.42 -5.51
CA ASN B 143 -13.05 -12.07 -5.02
C ASN B 143 -12.23 -12.77 -6.11
N ASN B 144 -10.93 -12.49 -6.13
CA ASN B 144 -9.96 -13.22 -6.95
C ASN B 144 -10.29 -13.31 -8.42
N PHE B 145 -10.28 -12.18 -9.10
CA PHE B 145 -10.58 -12.16 -10.54
C PHE B 145 -9.41 -11.61 -11.36
N TYR B 146 -9.45 -11.87 -12.65
CA TYR B 146 -8.51 -11.30 -13.61
C TYR B 146 -9.13 -11.31 -15.00
N PRO B 147 -8.96 -10.22 -15.77
CA PRO B 147 -8.17 -9.03 -15.47
C PRO B 147 -8.88 -8.04 -14.54
N ARG B 148 -8.31 -6.85 -14.43
CA ARG B 148 -8.70 -5.85 -13.44
C ARG B 148 -10.01 -5.15 -13.76
N GLU B 149 -10.31 -5.00 -15.04
CA GLU B 149 -11.51 -4.26 -15.45
C GLU B 149 -12.77 -5.01 -15.05
N ALA B 150 -13.54 -4.40 -14.15
CA ALA B 150 -14.79 -4.98 -13.68
C ALA B 150 -15.83 -3.88 -13.44
N LYS B 151 -17.04 -4.08 -13.96
CA LYS B 151 -18.10 -3.10 -13.77
C LYS B 151 -19.11 -3.55 -12.72
N VAL B 152 -19.33 -2.70 -11.72
CA VAL B 152 -20.26 -2.97 -10.64
C VAL B 152 -21.33 -1.88 -10.54
N GLN B 153 -22.60 -2.27 -10.65
CA GLN B 153 -23.71 -1.33 -10.54
C GLN B 153 -24.68 -1.77 -9.46
N TRP B 154 -25.14 -0.81 -8.66
CA TRP B 154 -26.11 -1.11 -7.61
C TRP B 154 -27.53 -0.85 -8.08
N LYS B 155 -28.43 -1.76 -7.70
CA LYS B 155 -29.85 -1.57 -7.99
C LYS B 155 -30.69 -1.82 -6.74
N VAL B 156 -31.52 -0.85 -6.42
CA VAL B 156 -32.41 -0.92 -5.27
C VAL B 156 -33.86 -0.90 -5.74
N ASP B 157 -34.55 -2.03 -5.58
CA ASP B 157 -35.86 -2.24 -6.20
C ASP B 157 -35.79 -1.96 -7.71
N ASN B 158 -34.75 -2.49 -8.35
CA ASN B 158 -34.52 -2.37 -9.79
C ASN B 158 -34.10 -0.99 -10.30
N ALA B 159 -34.06 -0.01 -9.41
CA ALA B 159 -33.60 1.34 -9.76
C ALA B 159 -32.07 1.45 -9.68
N LEU B 160 -31.45 1.84 -10.79
CA LEU B 160 -30.00 2.03 -10.84
C LEU B 160 -29.58 3.17 -9.92
N GLN B 161 -28.61 2.90 -9.04
CA GLN B 161 -28.17 3.88 -8.06
C GLN B 161 -27.06 4.78 -8.60
N SER B 162 -27.00 6.01 -8.11
CA SER B 162 -25.99 6.96 -8.57
C SER B 162 -25.53 7.88 -7.43
N GLY B 163 -24.22 7.97 -7.22
CA GLY B 163 -23.66 8.91 -6.26
C GLY B 163 -23.62 8.47 -4.81
N ASN B 164 -24.01 7.22 -4.55
CA ASN B 164 -24.04 6.73 -3.17
C ASN B 164 -23.22 5.46 -2.95
N SER B 165 -22.30 5.18 -3.87
CA SER B 165 -21.44 4.01 -3.74
C SER B 165 -19.99 4.37 -3.98
N GLN B 166 -19.11 3.58 -3.37
CA GLN B 166 -17.68 3.73 -3.56
C GLN B 166 -17.09 2.33 -3.67
N GLU B 167 -15.94 2.22 -4.33
CA GLU B 167 -15.30 0.92 -4.47
C GLU B 167 -13.80 1.03 -4.28
N SER B 168 -13.20 -0.08 -3.85
CA SER B 168 -11.75 -0.16 -3.68
C SER B 168 -11.29 -1.48 -4.30
N VAL B 169 -10.07 -1.48 -4.86
CA VAL B 169 -9.51 -2.66 -5.51
C VAL B 169 -8.11 -2.94 -4.94
N THR B 170 -7.82 -4.20 -4.62
CA THR B 170 -6.50 -4.59 -4.16
C THR B 170 -5.44 -4.49 -5.25
N GLU B 171 -4.17 -4.47 -4.86
CA GLU B 171 -3.09 -4.61 -5.83
C GLU B 171 -3.09 -6.06 -6.33
N GLN B 172 -2.49 -6.29 -7.49
CA GLN B 172 -2.45 -7.66 -8.04
C GLN B 172 -1.72 -8.59 -7.07
N ASP B 173 -2.35 -9.71 -6.74
CA ASP B 173 -1.81 -10.63 -5.74
C ASP B 173 -0.47 -11.22 -6.18
N SER B 174 0.48 -11.30 -5.25
CA SER B 174 1.82 -11.80 -5.56
C SER B 174 1.84 -13.30 -5.85
N LYS B 175 0.83 -14.02 -5.37
CA LYS B 175 0.82 -15.47 -5.52
C LYS B 175 -0.07 -15.99 -6.64
N ASP B 176 -1.29 -15.50 -6.75
CA ASP B 176 -2.18 -15.97 -7.82
C ASP B 176 -2.48 -14.92 -8.90
N SER B 177 -1.89 -13.74 -8.74
CA SER B 177 -1.98 -12.67 -9.73
C SER B 177 -3.40 -12.18 -10.02
N THR B 178 -4.29 -12.30 -9.02
CA THR B 178 -5.66 -11.82 -9.17
C THR B 178 -5.90 -10.52 -8.44
N TYR B 179 -7.07 -9.94 -8.67
CA TYR B 179 -7.50 -8.74 -7.96
C TYR B 179 -8.76 -9.06 -7.16
N SER B 180 -9.11 -8.18 -6.23
CA SER B 180 -10.37 -8.30 -5.52
C SER B 180 -10.96 -6.91 -5.35
N LEU B 181 -12.28 -6.82 -5.38
CA LEU B 181 -12.94 -5.53 -5.33
C LEU B 181 -14.01 -5.52 -4.25
N SER B 182 -14.09 -4.40 -3.53
CA SER B 182 -15.09 -4.21 -2.49
C SER B 182 -15.88 -2.98 -2.88
N SER B 183 -17.18 -3.15 -3.11
CA SER B 183 -18.05 -2.01 -3.40
C SER B 183 -19.03 -1.77 -2.24
N THR B 184 -19.08 -0.54 -1.76
CA THR B 184 -19.96 -0.20 -0.64
C THR B 184 -21.02 0.84 -1.01
N LEU B 185 -22.28 0.45 -0.88
CA LEU B 185 -23.41 1.36 -1.10
C LEU B 185 -23.91 1.84 0.26
N THR B 186 -24.01 3.15 0.44
CA THR B 186 -24.35 3.68 1.76
C THR B 186 -25.57 4.59 1.74
N LEU B 187 -26.53 4.29 2.61
CA LEU B 187 -27.78 5.04 2.69
C LEU B 187 -28.08 5.37 4.14
N SER B 188 -28.92 6.39 4.35
CA SER B 188 -29.52 6.61 5.66
C SER B 188 -30.36 5.38 5.99
N LYS B 189 -30.56 5.09 7.27
CA LYS B 189 -31.39 3.96 7.68
C LYS B 189 -32.81 4.11 7.14
N ALA B 190 -33.32 5.33 7.19
CA ALA B 190 -34.66 5.63 6.68
C ALA B 190 -34.81 5.28 5.21
N ASP B 191 -33.92 5.84 4.39
CA ASP B 191 -33.90 5.55 2.95
C ASP B 191 -33.80 4.05 2.71
N TYR B 192 -32.85 3.41 3.38
CA TYR B 192 -32.66 1.97 3.29
C TYR B 192 -33.93 1.19 3.63
N GLU B 193 -34.72 1.73 4.56
CA GLU B 193 -35.94 1.05 5.00
C GLU B 193 -37.17 1.33 4.14
N LYS B 194 -37.00 2.16 3.11
CA LYS B 194 -38.10 2.45 2.18
C LYS B 194 -38.09 1.46 1.01
N HIS B 195 -37.17 0.52 1.05
CA HIS B 195 -37.00 -0.40 -0.07
C HIS B 195 -36.84 -1.85 0.40
N LYS B 196 -36.92 -2.79 -0.53
CA LYS B 196 -36.84 -4.21 -0.19
C LYS B 196 -35.63 -4.90 -0.82
N VAL B 197 -35.52 -4.80 -2.14
CA VAL B 197 -34.51 -5.53 -2.90
C VAL B 197 -33.25 -4.72 -3.15
N TYR B 198 -32.13 -5.26 -2.68
CA TYR B 198 -30.82 -4.64 -2.90
C TYR B 198 -29.97 -5.59 -3.72
N ALA B 199 -29.44 -5.10 -4.83
CA ALA B 199 -28.72 -5.94 -5.76
C ALA B 199 -27.46 -5.26 -6.27
N CYS B 200 -26.38 -6.03 -6.36
CA CYS B 200 -25.20 -5.55 -7.07
C CYS B 200 -25.00 -6.42 -8.29
N GLU B 201 -24.82 -5.76 -9.43
CA GLU B 201 -24.70 -6.45 -10.71
C GLU B 201 -23.26 -6.38 -11.20
N VAL B 202 -22.65 -7.54 -11.41
CA VAL B 202 -21.26 -7.58 -11.82
C VAL B 202 -21.09 -7.96 -13.29
N THR B 203 -20.35 -7.14 -14.02
CA THR B 203 -20.03 -7.43 -15.40
C THR B 203 -18.52 -7.65 -15.49
N HIS B 204 -18.11 -8.78 -16.06
CA HIS B 204 -16.68 -9.09 -16.17
C HIS B 204 -16.41 -10.09 -17.28
N GLN B 205 -15.28 -9.90 -17.96
CA GLN B 205 -14.93 -10.71 -19.13
C GLN B 205 -14.89 -12.22 -18.84
N GLY B 206 -14.71 -12.57 -17.57
CA GLY B 206 -14.65 -13.97 -17.17
C GLY B 206 -16.01 -14.59 -16.94
N LEU B 207 -17.03 -13.75 -16.81
CA LEU B 207 -18.38 -14.21 -16.54
C LEU B 207 -19.08 -14.57 -17.85
N SER B 208 -19.85 -15.66 -17.84
CA SER B 208 -20.58 -16.11 -19.01
C SER B 208 -21.73 -15.14 -19.32
N SER B 209 -22.22 -14.46 -18.29
CA SER B 209 -23.22 -13.41 -18.42
C SER B 209 -23.17 -12.55 -17.17
N PRO B 210 -23.67 -11.30 -17.24
CA PRO B 210 -23.68 -10.42 -16.07
C PRO B 210 -24.28 -11.11 -14.85
N VAL B 211 -23.66 -10.92 -13.68
CA VAL B 211 -24.06 -11.63 -12.46
C VAL B 211 -24.68 -10.69 -11.42
N THR B 212 -25.84 -11.10 -10.90
CA THR B 212 -26.52 -10.31 -9.87
C THR B 212 -26.56 -11.07 -8.56
N LYS B 213 -26.12 -10.44 -7.49
CA LYS B 213 -26.28 -10.98 -6.15
C LYS B 213 -27.17 -10.02 -5.39
N SER B 214 -28.15 -10.55 -4.68
CA SER B 214 -29.13 -9.71 -4.02
C SER B 214 -29.67 -10.34 -2.74
N PHE B 215 -30.43 -9.54 -1.99
CA PHE B 215 -31.16 -10.02 -0.84
C PHE B 215 -32.37 -9.11 -0.65
N ASN B 216 -33.34 -9.56 0.13
CA ASN B 216 -34.49 -8.73 0.45
C ASN B 216 -34.39 -8.21 1.89
N ARG B 217 -34.56 -6.91 2.07
CA ARG B 217 -34.46 -6.30 3.39
C ARG B 217 -35.53 -6.88 4.33
N GLY B 218 -35.28 -6.84 5.63
CA GLY B 218 -36.13 -7.50 6.60
C GLY B 218 -35.81 -8.98 6.54
N GLU B 219 -35.21 -9.51 7.61
CA GLU B 219 -34.48 -10.78 7.53
C GLU B 219 -33.39 -10.52 6.49
N CYS B 220 -32.83 -9.31 6.54
CA CYS B 220 -31.91 -8.83 5.52
C CYS B 220 -30.66 -9.70 5.41
N ASP C 1 22.48 9.60 -2.25
CA ASP C 1 23.60 8.68 -2.02
C ASP C 1 24.97 9.33 -2.21
N ALA C 2 25.06 10.24 -3.18
CA ALA C 2 26.33 10.89 -3.50
C ALA C 2 26.89 11.70 -2.35
N GLU C 3 26.01 12.13 -1.45
CA GLU C 3 26.42 12.94 -0.31
C GLU C 3 27.33 12.18 0.65
N PHE C 4 27.27 10.84 0.61
CA PHE C 4 28.07 10.02 1.51
C PHE C 4 29.50 9.79 1.01
N ARG C 5 29.76 10.18 -0.23
CA ARG C 5 31.10 10.08 -0.81
C ARG C 5 31.68 11.49 -0.95
N HIS C 6 32.56 11.70 -1.93
CA HIS C 6 33.15 13.01 -2.19
C HIS C 6 34.06 13.51 -1.06
#